data_4PSC
#
_entry.id   4PSC
#
_cell.length_a   29.159
_cell.length_b   48.002
_cell.length_c   141.579
_cell.angle_alpha   90.00
_cell.angle_beta   90.00
_cell.angle_gamma   90.00
#
_symmetry.space_group_name_H-M   'P 21 21 21'
#
loop_
_entity.id
_entity.type
_entity.pdbx_description
1 polymer 'Carbohydrate esterase family 5'
2 non-polymer GLYCEROL
3 water water
#
_entity_poly.entity_id   1
_entity_poly.type   'polypeptide(L)'
_entity_poly.pdbx_seq_one_letter_code
;MRSLAILTTLLAGHAFAYPKPAPQSVNRRDWPSINEFLSELAKVMPIGDTITAACDLISDGEDAAASLFGISETENDPCG
DVTVLFARGTCDPGNVGVLVGPWFFDSLQTALGSRTLGVKGVPYPASVQDFLSGSVQNGINMANQIKSVLQSCPNTKLVL
GGYSQGSMVVHNAASNLDAATMSKISAVVLFGDPYYGKPVANFDAAKTLVVCHDGDNICQGGDIILLPHLTYAEDADTAA
AFVVPLVSHHHHHH
;
_entity_poly.pdbx_strand_id   A
#
loop_
_chem_comp.id
_chem_comp.type
_chem_comp.name
_chem_comp.formula
GOL non-polymer GLYCEROL 'C3 H8 O3'
#
# COMPACT_ATOMS: atom_id res chain seq x y z
N TRP A 31 7.40 17.38 -7.58
CA TRP A 31 7.89 16.16 -6.77
C TRP A 31 9.32 16.34 -6.57
N PRO A 32 9.86 15.95 -5.37
CA PRO A 32 11.30 15.89 -5.30
C PRO A 32 11.76 14.67 -6.04
N SER A 33 13.03 14.61 -6.31
CA SER A 33 13.58 13.45 -6.89
C SER A 33 13.51 12.39 -5.82
N ILE A 34 13.64 11.15 -6.28
CA ILE A 34 13.73 10.05 -5.33
C ILE A 34 14.92 10.25 -4.38
N ASN A 35 16.08 10.64 -4.88
CA ASN A 35 17.19 10.93 -4.02
C ASN A 35 16.94 12.03 -2.95
N GLU A 36 16.30 13.17 -3.30
CA GLU A 36 16.05 14.21 -2.34
C GLU A 36 15.03 13.72 -1.29
N PHE A 37 14.06 12.92 -1.75
CA PHE A 37 13.09 12.35 -0.83
C PHE A 37 13.76 11.41 0.20
N LEU A 38 14.52 10.41 -0.28
CA LEU A 38 15.28 9.50 0.61
C LEU A 38 16.25 10.25 1.52
N SER A 39 16.79 11.37 1.04
CA SER A 39 17.75 12.13 1.85
C SER A 39 16.98 12.81 3.00
N GLU A 40 15.81 13.39 2.72
CA GLU A 40 14.94 13.93 3.76
C GLU A 40 14.51 12.87 4.77
N LEU A 41 14.18 11.66 4.29
CA LEU A 41 13.75 10.51 5.16
C LEU A 41 14.91 10.13 6.08
N ALA A 42 16.14 10.19 5.60
CA ALA A 42 17.23 9.85 6.45
C ALA A 42 17.46 10.86 7.53
N LYS A 43 17.06 12.12 7.33
CA LYS A 43 17.11 13.14 8.39
C LYS A 43 16.04 12.97 9.42
N VAL A 44 14.84 12.55 9.02
CA VAL A 44 13.69 12.64 9.94
C VAL A 44 13.23 11.28 10.44
N MET A 45 13.56 10.15 9.81
CA MET A 45 12.97 8.83 10.24
C MET A 45 13.85 8.13 11.23
N PRO A 46 13.29 7.52 12.26
CA PRO A 46 14.01 6.76 13.19
C PRO A 46 14.35 5.35 12.61
N ILE A 47 15.60 4.88 12.72
CA ILE A 47 16.03 3.54 12.27
C ILE A 47 16.69 2.79 13.38
N GLY A 48 16.44 1.47 13.47
CA GLY A 48 17.01 0.60 14.43
C GLY A 48 16.10 0.30 15.63
N ASP A 49 15.03 1.06 15.79
CA ASP A 49 14.06 0.87 16.86
C ASP A 49 12.95 -0.08 16.43
N THR A 50 12.30 -0.65 17.43
CA THR A 50 11.07 -1.39 17.15
C THR A 50 9.97 -0.42 16.75
N ILE A 51 8.97 -0.94 16.03
CA ILE A 51 7.81 -0.15 15.64
C ILE A 51 7.15 0.47 16.87
N THR A 52 7.07 -0.26 17.97
CA THR A 52 6.49 0.28 19.19
C THR A 52 7.24 1.53 19.66
N ALA A 53 8.54 1.43 19.75
CA ALA A 53 9.37 2.56 20.21
C ALA A 53 9.44 3.69 19.18
N ALA A 54 9.32 3.36 17.90
CA ALA A 54 9.53 4.33 16.81
C ALA A 54 8.20 5.00 16.37
N CYS A 55 7.04 4.46 16.78
CA CYS A 55 5.77 4.87 16.19
C CYS A 55 5.59 6.38 16.09
N ASP A 56 5.68 7.10 17.21
CA ASP A 56 5.35 8.50 17.14
C ASP A 56 6.33 9.28 16.30
N LEU A 57 7.63 8.88 16.32
CA LEU A 57 8.63 9.54 15.49
C LEU A 57 8.43 9.22 13.97
N ILE A 58 7.97 8.00 13.69
CA ILE A 58 7.61 7.66 12.30
C ILE A 58 6.49 8.58 11.81
N SER A 59 5.44 8.73 12.62
CA SER A 59 4.33 9.58 12.22
CA SER A 59 4.32 9.59 12.22
C SER A 59 4.79 11.01 12.00
N ASP A 60 5.55 11.52 12.99
CA ASP A 60 6.05 12.90 12.87
C ASP A 60 6.98 13.07 11.67
N GLY A 61 7.87 12.12 11.42
CA GLY A 61 8.78 12.18 10.35
C GLY A 61 8.05 12.19 8.99
N GLU A 62 7.03 11.34 8.87
CA GLU A 62 6.27 11.30 7.63
C GLU A 62 5.51 12.58 7.40
N ASP A 63 4.90 13.18 8.46
CA ASP A 63 4.24 14.47 8.30
C ASP A 63 5.20 15.54 7.90
N ALA A 64 6.43 15.50 8.47
CA ALA A 64 7.45 16.53 8.11
C ALA A 64 7.79 16.40 6.63
N ALA A 65 8.07 15.21 6.12
CA ALA A 65 8.40 14.99 4.75
C ALA A 65 7.21 15.38 3.87
N ALA A 66 5.98 15.06 4.29
CA ALA A 66 4.83 15.32 3.48
C ALA A 66 4.67 16.87 3.33
N SER A 67 4.84 17.55 4.46
CA SER A 67 4.69 19.02 4.45
C SER A 67 5.78 19.64 3.65
N LEU A 68 7.02 19.17 3.79
CA LEU A 68 8.17 19.79 3.08
C LEU A 68 7.93 19.69 1.57
N PHE A 69 7.48 18.52 1.09
CA PHE A 69 7.34 18.28 -0.32
C PHE A 69 5.93 18.46 -0.91
N GLY A 70 4.92 18.78 -0.09
CA GLY A 70 3.57 18.91 -0.58
C GLY A 70 2.98 17.64 -1.06
N ILE A 71 3.25 16.55 -0.37
CA ILE A 71 2.73 15.23 -0.72
C ILE A 71 1.53 14.93 0.16
N SER A 72 0.39 14.55 -0.44
CA SER A 72 -0.83 14.18 0.30
C SER A 72 -0.66 12.83 0.96
N GLU A 73 -1.09 12.75 2.24
CA GLU A 73 -1.14 11.48 2.95
C GLU A 73 -2.54 10.91 3.11
N THR A 74 -3.53 11.55 2.39
CA THR A 74 -4.90 11.09 2.44
C THR A 74 -5.51 11.15 1.01
N GLU A 75 -6.13 10.07 0.62
CA GLU A 75 -6.81 10.01 -0.67
C GLU A 75 -8.15 9.37 -0.45
N ASN A 76 -9.16 9.95 -1.12
CA ASN A 76 -10.54 9.48 -1.09
C ASN A 76 -11.22 9.73 -2.41
N ASP A 77 -10.59 9.38 -3.51
CA ASP A 77 -11.16 9.70 -4.83
C ASP A 77 -12.35 8.84 -5.10
N PRO A 78 -13.26 9.29 -6.02
CA PRO A 78 -14.17 8.41 -6.71
C PRO A 78 -13.43 7.39 -7.50
N CYS A 79 -14.12 6.32 -7.90
CA CYS A 79 -13.50 5.35 -8.78
C CYS A 79 -13.03 5.93 -10.10
N GLY A 80 -11.86 5.52 -10.53
CA GLY A 80 -11.40 5.91 -11.87
C GLY A 80 -11.62 4.82 -12.91
N ASP A 81 -11.01 4.98 -14.06
CA ASP A 81 -10.88 3.91 -15.04
C ASP A 81 -10.18 2.79 -14.35
N VAL A 82 -9.08 3.11 -13.63
CA VAL A 82 -8.40 2.25 -12.70
C VAL A 82 -8.65 2.83 -11.30
N THR A 83 -8.84 1.96 -10.32
CA THR A 83 -9.00 2.37 -8.90
C THR A 83 -7.99 1.60 -8.11
N VAL A 84 -7.25 2.26 -7.25
CA VAL A 84 -6.37 1.59 -6.27
CA VAL A 84 -6.37 1.60 -6.30
C VAL A 84 -6.89 1.79 -4.88
N LEU A 85 -7.07 0.70 -4.17
CA LEU A 85 -7.37 0.71 -2.73
CA LEU A 85 -7.36 0.73 -2.76
C LEU A 85 -6.08 0.42 -2.03
N PHE A 86 -5.57 1.34 -1.21
CA PHE A 86 -4.26 1.21 -0.58
C PHE A 86 -4.32 1.25 0.90
N ALA A 87 -3.76 0.22 1.53
CA ALA A 87 -3.67 0.15 2.99
C ALA A 87 -2.23 0.47 3.43
N ARG A 88 -2.12 1.51 4.28
CA ARG A 88 -0.80 2.05 4.68
C ARG A 88 -0.20 1.21 5.80
N GLY A 89 1.02 1.60 6.20
CA GLY A 89 1.81 0.96 7.21
C GLY A 89 1.54 1.48 8.62
N THR A 90 1.98 0.71 9.60
CA THR A 90 1.78 1.02 11.01
C THR A 90 2.31 2.44 11.33
N CYS A 91 1.49 3.23 11.99
CA CYS A 91 1.85 4.59 12.38
C CYS A 91 1.96 5.54 11.26
N ASP A 92 1.62 5.16 10.02
CA ASP A 92 1.63 6.13 8.90
C ASP A 92 0.49 7.11 9.09
N PRO A 93 0.70 8.40 8.84
CA PRO A 93 -0.40 9.35 8.90
C PRO A 93 -1.44 9.18 7.80
N GLY A 94 -2.62 9.77 8.01
CA GLY A 94 -3.64 9.80 7.00
C GLY A 94 -4.24 8.45 6.70
N ASN A 95 -4.57 8.26 5.41
CA ASN A 95 -5.02 6.91 4.99
C ASN A 95 -4.12 6.35 3.89
N VAL A 96 -3.04 7.02 3.46
CA VAL A 96 -2.06 6.45 2.58
C VAL A 96 -0.60 6.63 3.00
N GLY A 97 -0.31 7.40 4.04
CA GLY A 97 1.06 7.67 4.42
C GLY A 97 1.83 8.48 3.37
N VAL A 98 3.13 8.61 3.58
CA VAL A 98 3.98 9.37 2.64
C VAL A 98 5.04 8.52 1.97
N LEU A 99 5.41 7.38 2.59
CA LEU A 99 6.63 6.70 2.23
C LEU A 99 6.59 5.96 0.91
N VAL A 100 5.41 5.42 0.55
CA VAL A 100 5.32 4.52 -0.55
CA VAL A 100 5.36 4.57 -0.65
C VAL A 100 4.07 4.75 -1.43
N GLY A 101 2.92 4.81 -0.79
CA GLY A 101 1.65 4.96 -1.49
C GLY A 101 1.69 6.07 -2.51
N PRO A 102 1.96 7.32 -2.08
CA PRO A 102 1.92 8.43 -3.04
C PRO A 102 2.79 8.25 -4.27
N TRP A 103 3.97 7.66 -4.07
CA TRP A 103 4.89 7.38 -5.16
C TRP A 103 4.30 6.34 -6.10
N PHE A 104 3.78 5.23 -5.54
CA PHE A 104 3.12 4.24 -6.37
C PHE A 104 1.99 4.82 -7.17
N PHE A 105 1.15 5.67 -6.56
CA PHE A 105 0.03 6.25 -7.30
C PHE A 105 0.54 7.15 -8.42
N ASP A 106 1.56 7.95 -8.14
CA ASP A 106 2.12 8.87 -9.16
C ASP A 106 2.69 8.08 -10.32
N SER A 107 3.48 7.03 -10.04
CA SER A 107 4.04 6.22 -11.09
C SER A 107 2.95 5.52 -11.91
N LEU A 108 1.92 5.02 -11.23
CA LEU A 108 0.83 4.37 -11.93
C LEU A 108 0.06 5.32 -12.83
N GLN A 109 -0.29 6.49 -12.31
CA GLN A 109 -0.98 7.46 -13.17
C GLN A 109 -0.11 7.86 -14.36
N THR A 110 1.18 8.06 -14.17
CA THR A 110 2.04 8.40 -15.28
C THR A 110 2.03 7.29 -16.30
N ALA A 111 2.09 6.01 -15.88
CA ALA A 111 2.13 4.91 -16.81
C ALA A 111 0.77 4.71 -17.50
N LEU A 112 -0.31 5.10 -16.88
CA LEU A 112 -1.64 5.03 -17.46
C LEU A 112 -1.94 6.16 -18.44
N GLY A 113 -1.11 7.20 -18.54
CA GLY A 113 -1.36 8.30 -19.45
C GLY A 113 -2.57 9.06 -19.00
N SER A 114 -3.51 9.25 -19.94
CA SER A 114 -4.75 9.99 -19.66
C SER A 114 -5.76 9.13 -18.96
N ARG A 115 -5.64 7.85 -18.83
CA ARG A 115 -6.61 7.01 -18.15
C ARG A 115 -6.62 7.40 -16.69
N THR A 116 -7.76 7.82 -16.18
CA THR A 116 -7.83 8.39 -14.83
CA THR A 116 -7.85 8.38 -14.82
C THR A 116 -7.69 7.32 -13.77
N LEU A 117 -6.75 7.51 -12.83
CA LEU A 117 -6.59 6.68 -11.66
C LEU A 117 -7.30 7.33 -10.50
N GLY A 118 -8.20 6.58 -9.85
CA GLY A 118 -8.81 7.01 -8.60
C GLY A 118 -8.12 6.27 -7.48
N VAL A 119 -7.71 6.98 -6.43
CA VAL A 119 -7.03 6.40 -5.29
C VAL A 119 -7.85 6.53 -4.05
N LYS A 120 -8.05 5.41 -3.35
CA LYS A 120 -8.79 5.34 -2.11
C LYS A 120 -7.92 4.72 -1.04
N GLY A 121 -7.68 5.42 0.06
CA GLY A 121 -6.99 4.86 1.17
C GLY A 121 -7.93 3.97 1.99
N VAL A 122 -7.39 3.03 2.70
CA VAL A 122 -8.14 2.12 3.58
C VAL A 122 -8.18 2.72 4.96
N PRO A 123 -9.39 3.08 5.45
CA PRO A 123 -9.50 3.85 6.72
C PRO A 123 -9.48 2.88 7.86
N TYR A 124 -8.37 2.43 8.27
CA TYR A 124 -8.14 1.54 9.42
C TYR A 124 -7.08 2.21 10.34
N PRO A 125 -6.94 1.74 11.59
CA PRO A 125 -6.10 2.45 12.55
C PRO A 125 -4.61 2.42 12.27
N ALA A 126 -4.15 1.43 11.55
CA ALA A 126 -2.72 1.16 11.39
C ALA A 126 -2.00 1.19 12.74
N SER A 127 -2.57 0.52 13.70
CA SER A 127 -2.09 0.57 15.06
C SER A 127 -0.97 -0.44 15.35
N VAL A 128 -0.19 -0.16 16.36
CA VAL A 128 0.89 -1.04 16.79
C VAL A 128 0.28 -2.37 17.24
N GLN A 129 -0.81 -2.37 18.01
CA GLN A 129 -1.35 -3.59 18.53
C GLN A 129 -1.82 -4.50 17.42
N ASP A 130 -2.53 -3.96 16.43
CA ASP A 130 -2.99 -4.75 15.32
C ASP A 130 -1.89 -5.33 14.50
N PHE A 131 -0.78 -4.62 14.36
CA PHE A 131 0.40 -5.15 13.69
C PHE A 131 0.87 -6.40 14.44
N LEU A 132 1.01 -6.32 15.75
CA LEU A 132 1.52 -7.46 16.53
C LEU A 132 0.49 -8.63 16.58
N SER A 133 -0.83 -8.40 16.36
CA SER A 133 -1.91 -9.47 16.49
C SER A 133 -2.27 -10.09 15.15
N GLY A 134 -1.96 -9.43 14.06
CA GLY A 134 -2.29 -9.83 12.68
C GLY A 134 -3.36 -9.05 11.90
N SER A 135 -4.01 -8.07 12.55
CA SER A 135 -4.89 -7.08 11.84
C SER A 135 -6.06 -7.81 11.07
N VAL A 136 -6.56 -8.85 11.76
CA VAL A 136 -7.63 -9.69 11.04
C VAL A 136 -8.98 -8.93 10.76
N GLN A 137 -9.54 -8.30 11.77
CA GLN A 137 -10.77 -7.55 11.61
C GLN A 137 -10.69 -6.36 10.64
N ASN A 138 -9.51 -5.80 10.57
CA ASN A 138 -9.24 -4.79 9.58
C ASN A 138 -9.33 -5.41 8.19
N GLY A 139 -8.87 -6.65 8.04
CA GLY A 139 -9.06 -7.37 6.82
C GLY A 139 -10.49 -7.56 6.40
N ILE A 140 -11.33 -7.94 7.33
CA ILE A 140 -12.72 -8.06 7.08
C ILE A 140 -13.36 -6.74 6.64
N ASN A 141 -12.97 -5.64 7.30
CA ASN A 141 -13.51 -4.36 6.94
C ASN A 141 -13.00 -3.96 5.54
N MET A 142 -11.76 -4.27 5.20
CA MET A 142 -11.25 -3.99 3.86
C MET A 142 -11.98 -4.85 2.82
N ALA A 143 -12.28 -6.10 3.17
CA ALA A 143 -13.08 -6.92 2.27
C ALA A 143 -14.43 -6.26 1.96
N ASN A 144 -15.08 -5.68 2.96
CA ASN A 144 -16.32 -4.95 2.72
C ASN A 144 -16.06 -3.67 1.91
N GLN A 145 -14.96 -3.01 2.11
CA GLN A 145 -14.63 -1.82 1.35
C GLN A 145 -14.46 -2.21 -0.15
N ILE A 146 -13.74 -3.31 -0.41
CA ILE A 146 -13.54 -3.83 -1.75
C ILE A 146 -14.85 -4.14 -2.42
N LYS A 147 -15.68 -4.92 -1.72
CA LYS A 147 -16.98 -5.29 -2.31
C LYS A 147 -17.87 -4.11 -2.59
N SER A 148 -17.78 -3.13 -1.73
CA SER A 148 -18.57 -1.90 -1.95
C SER A 148 -18.06 -1.07 -3.16
N VAL A 149 -16.75 -1.01 -3.34
CA VAL A 149 -16.23 -0.36 -4.58
C VAL A 149 -16.75 -1.10 -5.78
N LEU A 150 -16.71 -2.45 -5.78
CA LEU A 150 -17.13 -3.21 -6.93
C LEU A 150 -18.63 -3.02 -7.19
N GLN A 151 -19.45 -2.88 -6.14
CA GLN A 151 -20.90 -2.57 -6.20
CA GLN A 151 -20.88 -2.65 -6.37
C GLN A 151 -21.12 -1.26 -6.93
N SER A 152 -20.41 -0.25 -6.47
CA SER A 152 -20.57 1.10 -6.94
C SER A 152 -19.94 1.35 -8.33
N CYS A 153 -18.89 0.61 -8.67
CA CYS A 153 -18.06 0.88 -9.85
C CYS A 153 -17.76 -0.44 -10.56
N PRO A 154 -18.81 -1.07 -11.13
CA PRO A 154 -18.62 -2.35 -11.75
C PRO A 154 -17.68 -2.37 -12.97
N ASN A 155 -17.41 -1.22 -13.56
CA ASN A 155 -16.52 -1.18 -14.70
C ASN A 155 -15.12 -0.79 -14.37
N THR A 156 -14.80 -0.51 -13.11
CA THR A 156 -13.41 -0.07 -12.81
C THR A 156 -12.48 -1.28 -12.83
N LYS A 157 -11.22 -1.01 -13.07
CA LYS A 157 -10.14 -1.98 -12.93
C LYS A 157 -9.56 -1.76 -11.54
N LEU A 158 -9.86 -2.70 -10.65
CA LEU A 158 -9.52 -2.52 -9.26
C LEU A 158 -8.19 -3.18 -8.92
N VAL A 159 -7.32 -2.42 -8.27
CA VAL A 159 -5.99 -2.81 -7.86
C VAL A 159 -5.91 -2.65 -6.36
N LEU A 160 -5.37 -3.64 -5.65
CA LEU A 160 -5.11 -3.54 -4.22
C LEU A 160 -3.64 -3.30 -3.98
N GLY A 161 -3.34 -2.35 -3.10
CA GLY A 161 -1.98 -2.11 -2.65
C GLY A 161 -1.86 -2.06 -1.14
N GLY A 162 -0.69 -2.47 -0.65
CA GLY A 162 -0.42 -2.42 0.76
C GLY A 162 1.03 -2.15 1.04
N TYR A 163 1.30 -1.59 2.20
CA TYR A 163 2.62 -1.41 2.74
C TYR A 163 2.64 -1.84 4.19
N SER A 164 3.60 -2.68 4.57
CA SER A 164 3.80 -3.01 5.99
C SER A 164 2.53 -3.66 6.53
N GLN A 165 1.99 -3.19 7.63
CA GLN A 165 0.72 -3.75 8.15
C GLN A 165 -0.37 -3.74 7.09
N GLY A 166 -0.38 -2.74 6.23
CA GLY A 166 -1.41 -2.72 5.20
C GLY A 166 -1.38 -3.94 4.27
N SER A 167 -0.18 -4.48 4.09
CA SER A 167 -0.05 -5.73 3.34
C SER A 167 -0.69 -6.91 4.10
N MET A 168 -0.60 -6.90 5.42
CA MET A 168 -1.33 -7.87 6.23
C MET A 168 -2.83 -7.72 6.02
N VAL A 169 -3.31 -6.48 6.01
CA VAL A 169 -4.74 -6.22 5.83
C VAL A 169 -5.19 -6.75 4.48
N VAL A 170 -4.41 -6.53 3.41
CA VAL A 170 -4.79 -7.04 2.10
C VAL A 170 -4.83 -8.56 2.13
N HIS A 171 -3.78 -9.20 2.71
CA HIS A 171 -3.79 -10.64 2.81
C HIS A 171 -5.04 -11.15 3.53
N ASN A 172 -5.40 -10.52 4.63
CA ASN A 172 -6.56 -10.92 5.41
C ASN A 172 -7.87 -10.67 4.67
N ALA A 173 -7.98 -9.58 3.95
CA ALA A 173 -9.14 -9.31 3.12
C ALA A 173 -9.30 -10.43 2.09
N ALA A 174 -8.24 -10.79 1.41
CA ALA A 174 -8.30 -11.84 0.40
C ALA A 174 -8.71 -13.16 1.01
N SER A 175 -8.21 -13.47 2.22
CA SER A 175 -8.56 -14.70 2.89
C SER A 175 -10.03 -14.72 3.28
N ASN A 176 -10.68 -13.59 3.42
CA ASN A 176 -12.07 -13.50 3.81
C ASN A 176 -12.98 -13.25 2.63
N LEU A 177 -12.52 -13.26 1.39
CA LEU A 177 -13.33 -12.99 0.25
C LEU A 177 -13.62 -14.22 -0.55
N ASP A 178 -14.71 -14.14 -1.31
CA ASP A 178 -15.19 -15.18 -2.24
C ASP A 178 -14.48 -15.08 -3.55
N ALA A 179 -14.59 -16.13 -4.33
CA ALA A 179 -13.93 -16.21 -5.62
C ALA A 179 -14.42 -15.21 -6.64
N ALA A 180 -15.70 -14.86 -6.62
CA ALA A 180 -16.24 -13.91 -7.57
C ALA A 180 -15.63 -12.51 -7.34
N THR A 181 -15.63 -12.06 -6.07
CA THR A 181 -15.00 -10.78 -5.77
C THR A 181 -13.54 -10.77 -6.20
N MET A 182 -12.80 -11.85 -5.85
CA MET A 182 -11.37 -11.86 -6.14
C MET A 182 -11.09 -11.92 -7.63
N SER A 183 -12.00 -12.49 -8.42
CA SER A 183 -11.81 -12.54 -9.85
C SER A 183 -11.91 -11.16 -10.46
N LYS A 184 -12.52 -10.23 -9.79
CA LYS A 184 -12.70 -8.85 -10.22
C LYS A 184 -11.55 -7.95 -9.89
N ILE A 185 -10.53 -8.48 -9.21
CA ILE A 185 -9.37 -7.71 -8.82
CA ILE A 185 -9.36 -7.72 -8.81
C ILE A 185 -8.32 -7.93 -9.91
N SER A 186 -7.83 -6.84 -10.48
CA SER A 186 -6.87 -6.95 -11.59
C SER A 186 -5.46 -7.26 -11.15
N ALA A 187 -5.01 -6.75 -10.01
CA ALA A 187 -3.64 -6.86 -9.56
C ALA A 187 -3.56 -6.55 -8.09
N VAL A 188 -2.53 -7.11 -7.43
CA VAL A 188 -2.23 -6.82 -6.04
C VAL A 188 -0.75 -6.52 -5.93
N VAL A 189 -0.40 -5.41 -5.31
CA VAL A 189 1.02 -5.02 -5.10
C VAL A 189 1.21 -4.81 -3.59
N LEU A 190 2.11 -5.58 -3.00
CA LEU A 190 2.43 -5.48 -1.59
C LEU A 190 3.89 -5.04 -1.43
N PHE A 191 4.10 -4.03 -0.62
CA PHE A 191 5.45 -3.56 -0.29
C PHE A 191 5.74 -3.87 1.17
N GLY A 192 6.92 -4.40 1.50
CA GLY A 192 7.26 -4.61 2.89
C GLY A 192 6.28 -5.55 3.58
N ASP A 193 5.95 -6.66 2.95
CA ASP A 193 4.94 -7.59 3.43
C ASP A 193 5.38 -8.29 4.70
N PRO A 194 4.70 -8.11 5.85
CA PRO A 194 5.05 -8.84 7.08
C PRO A 194 4.82 -10.36 6.94
N TYR A 195 4.00 -10.76 5.98
CA TYR A 195 3.71 -12.16 5.69
C TYR A 195 4.48 -12.64 4.47
N TYR A 196 5.63 -11.99 4.17
CA TYR A 196 6.41 -12.34 3.00
C TYR A 196 6.59 -13.83 2.88
N GLY A 197 6.31 -14.35 1.68
CA GLY A 197 6.36 -15.79 1.39
C GLY A 197 4.97 -16.37 1.29
N LYS A 198 3.98 -15.79 1.92
CA LYS A 198 2.59 -16.26 1.82
CA LYS A 198 2.61 -16.27 1.82
C LYS A 198 1.97 -15.68 0.59
N PRO A 199 1.20 -16.45 -0.17
CA PRO A 199 0.48 -15.90 -1.32
C PRO A 199 -0.68 -15.03 -0.91
N VAL A 200 -1.24 -14.30 -1.80
CA VAL A 200 -2.51 -13.67 -1.61
C VAL A 200 -3.54 -14.77 -1.79
N ALA A 201 -4.32 -15.04 -0.73
CA ALA A 201 -5.30 -16.12 -0.78
C ALA A 201 -6.36 -15.89 -1.87
N ASN A 202 -6.87 -16.98 -2.49
CA ASN A 202 -8.03 -16.89 -3.35
C ASN A 202 -7.78 -16.05 -4.58
N PHE A 203 -6.53 -16.00 -5.04
CA PHE A 203 -6.13 -15.04 -6.08
C PHE A 203 -5.04 -15.66 -6.91
N ASP A 204 -4.96 -15.23 -8.17
CA ASP A 204 -3.96 -15.65 -9.11
C ASP A 204 -2.62 -15.06 -8.79
N ALA A 205 -1.63 -15.89 -8.38
CA ALA A 205 -0.32 -15.43 -8.00
C ALA A 205 0.39 -14.66 -9.11
N ALA A 206 0.06 -14.97 -10.37
CA ALA A 206 0.69 -14.24 -11.47
C ALA A 206 0.24 -12.79 -11.58
N LYS A 207 -0.82 -12.41 -10.84
CA LYS A 207 -1.35 -11.03 -10.77
C LYS A 207 -0.93 -10.35 -9.49
N THR A 208 0.04 -10.93 -8.76
CA THR A 208 0.56 -10.37 -7.51
C THR A 208 2.01 -10.04 -7.65
N LEU A 209 2.40 -8.88 -7.15
CA LEU A 209 3.78 -8.48 -7.00
C LEU A 209 4.05 -8.17 -5.54
N VAL A 210 5.02 -8.82 -4.94
CA VAL A 210 5.43 -8.53 -3.56
C VAL A 210 6.85 -8.03 -3.62
N VAL A 211 7.07 -6.84 -3.08
CA VAL A 211 8.38 -6.20 -3.05
C VAL A 211 8.85 -6.11 -1.60
N CYS A 212 9.84 -6.95 -1.26
CA CYS A 212 10.45 -7.00 0.07
C CYS A 212 11.94 -6.85 -0.10
N HIS A 213 12.48 -5.74 0.40
CA HIS A 213 13.90 -5.48 0.30
C HIS A 213 14.76 -6.38 1.14
N ASP A 214 15.89 -6.74 0.65
CA ASP A 214 16.89 -7.45 1.46
C ASP A 214 17.20 -6.56 2.69
N GLY A 215 17.16 -7.13 3.87
CA GLY A 215 17.44 -6.42 5.08
C GLY A 215 16.27 -5.69 5.67
N ASP A 216 15.05 -5.84 5.11
CA ASP A 216 13.84 -5.30 5.74
C ASP A 216 13.38 -6.31 6.76
N ASN A 217 13.59 -5.99 8.06
CA ASN A 217 13.24 -6.88 9.17
C ASN A 217 11.75 -7.24 9.21
N ILE A 218 10.90 -6.33 8.73
CA ILE A 218 9.48 -6.61 8.74
C ILE A 218 9.12 -7.78 7.84
N CYS A 219 9.81 -7.93 6.72
CA CYS A 219 9.59 -9.06 5.79
C CYS A 219 10.04 -10.37 6.37
N GLN A 220 10.85 -10.36 7.46
CA GLN A 220 11.28 -11.55 8.20
C GLN A 220 10.33 -11.89 9.35
N GLY A 221 9.21 -11.23 9.45
CA GLY A 221 8.28 -11.43 10.58
C GLY A 221 8.72 -10.68 11.81
N GLY A 222 9.65 -9.72 11.67
CA GLY A 222 10.16 -8.93 12.80
C GLY A 222 9.36 -7.64 12.98
N ASP A 223 9.86 -6.88 13.95
CA ASP A 223 9.23 -5.62 14.32
C ASP A 223 10.17 -4.43 14.27
N ILE A 224 11.36 -4.60 13.74
CA ILE A 224 12.33 -3.52 13.73
C ILE A 224 12.25 -2.75 12.47
N ILE A 225 12.32 -1.43 12.57
CA ILE A 225 12.25 -0.51 11.43
C ILE A 225 13.69 -0.18 11.06
N LEU A 226 14.16 -0.65 9.92
CA LEU A 226 15.48 -0.45 9.37
C LEU A 226 15.32 0.31 8.07
N LEU A 227 16.45 0.90 7.60
CA LEU A 227 16.42 1.73 6.39
C LEU A 227 15.77 1.02 5.18
N PRO A 228 16.03 -0.25 4.92
CA PRO A 228 15.39 -0.86 3.76
C PRO A 228 13.87 -0.93 3.81
N HIS A 229 13.27 -0.78 4.99
CA HIS A 229 11.82 -0.71 5.10
C HIS A 229 11.25 0.60 4.62
N LEU A 230 12.07 1.66 4.51
CA LEU A 230 11.66 3.02 4.29
C LEU A 230 11.84 3.50 2.87
N THR A 231 12.35 2.68 1.98
CA THR A 231 12.87 3.14 0.67
C THR A 231 12.06 2.57 -0.50
N TYR A 232 10.86 2.04 -0.26
CA TYR A 232 10.06 1.45 -1.33
C TYR A 232 9.54 2.42 -2.36
N ALA A 233 9.65 3.75 -2.15
CA ALA A 233 9.39 4.69 -3.22
C ALA A 233 10.27 4.42 -4.43
N GLU A 234 11.46 3.85 -4.23
CA GLU A 234 12.35 3.52 -5.34
C GLU A 234 11.75 2.47 -6.27
N ASP A 235 10.84 1.63 -5.80
CA ASP A 235 10.22 0.56 -6.57
C ASP A 235 8.92 0.98 -7.21
N ALA A 236 8.51 2.24 -7.07
CA ALA A 236 7.20 2.68 -7.58
C ALA A 236 7.10 2.48 -9.10
N ASP A 237 8.16 2.85 -9.86
CA ASP A 237 8.05 2.71 -11.30
C ASP A 237 7.87 1.22 -11.69
N THR A 238 8.64 0.34 -11.09
CA THR A 238 8.56 -1.08 -11.38
C THR A 238 7.20 -1.63 -11.00
N ALA A 239 6.66 -1.22 -9.84
CA ALA A 239 5.33 -1.67 -9.42
C ALA A 239 4.24 -1.19 -10.40
N ALA A 240 4.37 0.05 -10.84
CA ALA A 240 3.39 0.57 -11.81
C ALA A 240 3.47 -0.22 -13.09
N ALA A 241 4.67 -0.51 -13.58
CA ALA A 241 4.83 -1.27 -14.81
C ALA A 241 4.26 -2.67 -14.67
N PHE A 242 4.33 -3.27 -13.52
CA PHE A 242 3.71 -4.57 -13.27
C PHE A 242 2.19 -4.50 -13.44
N VAL A 243 1.55 -3.42 -12.95
CA VAL A 243 0.11 -3.27 -12.95
C VAL A 243 -0.43 -2.99 -14.34
N VAL A 244 0.22 -2.11 -15.11
CA VAL A 244 -0.39 -1.69 -16.36
C VAL A 244 -0.91 -2.79 -17.25
N PRO A 245 -0.14 -3.84 -17.55
CA PRO A 245 -0.72 -4.88 -18.45
C PRO A 245 -1.92 -5.61 -17.83
N LEU A 246 -2.02 -5.61 -16.51
CA LEU A 246 -3.11 -6.30 -15.81
C LEU A 246 -4.40 -5.48 -15.81
N VAL A 247 -4.34 -4.20 -16.14
CA VAL A 247 -5.53 -3.33 -16.19
C VAL A 247 -5.89 -2.87 -17.58
N SER A 248 -5.39 -3.59 -18.56
CA SER A 248 -5.77 -3.31 -19.96
C SER A 248 -7.26 -3.63 -20.26
N HIS A 249 -7.87 -2.87 -21.16
CA HIS A 249 -9.22 -3.17 -21.73
C HIS A 249 -9.14 -3.95 -23.06
N HIS A 250 -7.93 -4.28 -23.49
CA HIS A 250 -7.63 -4.92 -24.79
C HIS A 250 -7.09 -6.31 -24.52
C1 GOL B . -9.05 6.94 9.33
O1 GOL B . -9.26 8.24 8.68
C2 GOL B . -7.51 6.59 9.32
O2 GOL B . -7.08 6.35 8.01
C3 GOL B . -6.72 7.59 10.10
O3 GOL B . -7.21 7.97 11.36
H11 GOL B . -9.41 6.97 10.36
H12 GOL B . -9.60 6.17 8.80
HO1 GOL B . -10.21 8.36 8.54
H2 GOL B . -7.43 5.64 9.87
HO2 GOL B . -6.69 7.15 7.64
H31 GOL B . -5.73 7.15 10.24
H32 GOL B . -6.62 8.49 9.48
HO3 GOL B . -6.64 8.67 11.72
#